data_3HJP
#
_entry.id   3HJP
#
_cell.length_a   74.227
_cell.length_b   64.142
_cell.length_c   76.692
_cell.angle_alpha   90.00
_cell.angle_beta   114.76
_cell.angle_gamma   90.00
#
_symmetry.space_group_name_H-M   'P 1 21 1'
#
loop_
_entity.id
_entity.type
_entity.pdbx_description
1 polymer 'Peroxiredoxin, bacterioferritin comigratory protein homolog (Bcp-4)'
2 non-polymer 'CHLORIDE ION'
3 water water
#
_entity_poly.entity_id   1
_entity_poly.type   'polypeptide(L)'
_entity_poly.pdbx_seq_one_letter_code
;MVEIGEKAPEIELVDTDLKKVKIPSDFKGKVVVLAFYPAAFTSVSTKEMSTFRDSMAKFNEVNAVVIGISVDPPFSNKAF
KEQNKINFTIVSDFNREAVKAYGVAGELPILKGYVLAKRSVFVIDKNGIVRYKWVSEDPTKEPNYDEIKDVVTKLSLEHH
HHHH
;
_entity_poly.pdbx_strand_id   A,B,C,D
#
loop_
_chem_comp.id
_chem_comp.type
_chem_comp.name
_chem_comp.formula
CL non-polymer 'CHLORIDE ION' 'Cl -1'
#
# COMPACT_ATOMS: atom_id res chain seq x y z
N MET A 1 -21.89 -20.09 13.55
CA MET A 1 -20.63 -20.84 13.26
C MET A 1 -20.89 -22.32 13.01
N VAL A 2 -21.20 -22.67 11.76
CA VAL A 2 -21.47 -24.05 11.39
C VAL A 2 -20.30 -24.97 11.75
N GLU A 3 -20.62 -26.25 11.89
CA GLU A 3 -19.63 -27.26 12.22
C GLU A 3 -20.04 -28.59 11.60
N ILE A 4 -19.09 -29.52 11.55
CA ILE A 4 -19.35 -30.82 10.96
C ILE A 4 -20.58 -31.47 11.56
N GLY A 5 -21.45 -31.99 10.70
CA GLY A 5 -22.65 -32.64 11.18
C GLY A 5 -23.91 -31.80 11.05
N GLU A 6 -23.75 -30.48 11.08
CA GLU A 6 -24.89 -29.57 10.96
C GLU A 6 -25.43 -29.46 9.54
N LYS A 7 -26.63 -28.90 9.42
CA LYS A 7 -27.26 -28.71 8.12
C LYS A 7 -26.73 -27.40 7.58
N ALA A 8 -26.27 -27.42 6.33
CA ALA A 8 -25.71 -26.25 5.67
C ALA A 8 -26.67 -25.08 5.61
N PRO A 9 -26.35 -23.97 6.31
CA PRO A 9 -27.23 -22.80 6.31
C PRO A 9 -27.72 -22.53 4.90
N GLU A 10 -29.02 -22.39 4.75
CA GLU A 10 -29.58 -22.13 3.43
C GLU A 10 -29.28 -20.69 3.04
N ILE A 11 -28.74 -20.50 1.85
CA ILE A 11 -28.47 -19.14 1.38
C ILE A 11 -28.91 -19.02 -0.06
N GLU A 12 -29.27 -17.82 -0.47
CA GLU A 12 -29.70 -17.55 -1.84
C GLU A 12 -28.94 -16.33 -2.37
N LEU A 13 -28.02 -16.56 -3.30
CA LEU A 13 -27.19 -15.51 -3.89
C LEU A 13 -27.24 -15.58 -5.42
N VAL A 14 -27.01 -14.46 -6.09
CA VAL A 14 -27.04 -14.48 -7.55
C VAL A 14 -25.68 -14.80 -8.15
N ASP A 15 -25.69 -15.53 -9.27
CA ASP A 15 -24.47 -15.93 -9.98
C ASP A 15 -24.05 -14.86 -10.97
N THR A 16 -22.90 -15.06 -11.60
CA THR A 16 -22.36 -14.10 -12.56
C THR A 16 -23.38 -13.70 -13.63
N ASP A 17 -24.35 -14.57 -13.88
CA ASP A 17 -25.39 -14.31 -14.87
C ASP A 17 -26.63 -13.66 -14.28
N LEU A 18 -26.57 -13.35 -12.99
CA LEU A 18 -27.68 -12.71 -12.28
C LEU A 18 -28.80 -13.67 -11.90
N LYS A 19 -28.55 -14.97 -12.04
CA LYS A 19 -29.56 -15.97 -11.70
C LYS A 19 -29.41 -16.37 -10.24
N LYS A 20 -30.52 -16.43 -9.51
CA LYS A 20 -30.46 -16.83 -8.11
C LYS A 20 -30.04 -18.29 -7.98
N VAL A 21 -29.23 -18.56 -6.97
CA VAL A 21 -28.73 -19.89 -6.73
C VAL A 21 -29.02 -20.13 -5.28
N LYS A 22 -29.55 -21.31 -5.03
CA LYS A 22 -29.85 -21.62 -3.66
C LYS A 22 -29.05 -22.78 -3.11
N ILE A 23 -28.46 -22.57 -1.95
CA ILE A 23 -27.57 -23.58 -1.38
C ILE A 23 -28.01 -23.82 0.04
N PRO A 24 -28.13 -25.09 0.45
CA PRO A 24 -27.87 -26.28 -0.36
C PRO A 24 -29.12 -26.95 -0.96
N SER A 25 -30.22 -26.22 -0.99
CA SER A 25 -31.46 -26.76 -1.53
C SER A 25 -31.35 -27.16 -2.99
N ASP A 26 -30.94 -26.22 -3.84
CA ASP A 26 -30.78 -26.45 -5.28
C ASP A 26 -29.86 -27.60 -5.63
N PHE A 27 -29.13 -28.14 -4.66
CA PHE A 27 -28.22 -29.23 -4.96
C PHE A 27 -28.47 -30.47 -4.13
N LYS A 28 -29.73 -30.67 -3.74
CA LYS A 28 -30.10 -31.85 -2.96
C LYS A 28 -29.72 -33.08 -3.77
N GLY A 29 -28.98 -33.99 -3.15
CA GLY A 29 -28.56 -35.19 -3.84
C GLY A 29 -27.10 -35.22 -4.20
N LYS A 30 -26.59 -34.12 -4.76
CA LYS A 30 -25.19 -34.03 -5.16
C LYS A 30 -24.33 -33.50 -4.03
N VAL A 31 -23.03 -33.76 -4.08
CA VAL A 31 -22.11 -33.24 -3.08
C VAL A 31 -21.66 -31.89 -3.60
N VAL A 32 -21.66 -30.88 -2.74
CA VAL A 32 -21.26 -29.55 -3.17
C VAL A 32 -20.05 -29.04 -2.41
N VAL A 33 -19.16 -28.36 -3.13
CA VAL A 33 -17.99 -27.79 -2.50
C VAL A 33 -18.11 -26.27 -2.52
N LEU A 34 -18.28 -25.70 -1.34
CA LEU A 34 -18.38 -24.24 -1.19
C LEU A 34 -16.96 -23.72 -1.03
N ALA A 35 -16.54 -22.89 -1.97
CA ALA A 35 -15.20 -22.32 -1.93
C ALA A 35 -15.32 -20.81 -1.71
N PHE A 36 -15.17 -20.38 -0.46
CA PHE A 36 -15.24 -18.94 -0.17
C PHE A 36 -13.86 -18.32 -0.43
N TYR A 37 -13.84 -17.23 -1.18
CA TYR A 37 -12.57 -16.56 -1.41
C TYR A 37 -12.75 -15.07 -1.13
N PRO A 38 -11.73 -14.44 -0.52
CA PRO A 38 -11.78 -13.01 -0.18
C PRO A 38 -12.11 -12.07 -1.32
N ALA A 39 -11.32 -12.08 -2.38
CA ALA A 39 -11.58 -11.15 -3.47
C ALA A 39 -11.14 -11.55 -4.87
N ALA A 40 -11.94 -11.13 -5.84
CA ALA A 40 -11.68 -11.38 -7.25
C ALA A 40 -10.47 -10.57 -7.66
N PHE A 41 -9.75 -11.09 -8.65
CA PHE A 41 -8.56 -10.44 -9.19
C PHE A 41 -7.40 -10.28 -8.19
N THR A 42 -7.07 -11.35 -7.48
CA THR A 42 -5.96 -11.32 -6.55
C THR A 42 -5.20 -12.62 -6.77
N SER A 43 -3.87 -12.53 -6.74
CA SER A 43 -3.03 -13.69 -7.00
C SER A 43 -3.47 -15.00 -6.36
N VAL A 44 -3.69 -15.01 -5.04
CA VAL A 44 -4.07 -16.25 -4.36
C VAL A 44 -5.48 -16.76 -4.68
N SER A 45 -6.45 -15.86 -4.84
CA SER A 45 -7.80 -16.31 -5.15
C SER A 45 -7.84 -16.72 -6.62
N THR A 46 -7.06 -16.04 -7.44
CA THR A 46 -7.01 -16.36 -8.86
C THR A 46 -6.36 -17.73 -9.03
N LYS A 47 -5.44 -18.07 -8.15
CA LYS A 47 -4.77 -19.35 -8.24
C LYS A 47 -5.73 -20.44 -7.77
N GLU A 48 -6.33 -20.23 -6.60
CA GLU A 48 -7.25 -21.19 -6.02
C GLU A 48 -8.41 -21.54 -6.95
N MET A 49 -9.06 -20.53 -7.53
CA MET A 49 -10.16 -20.83 -8.43
C MET A 49 -9.64 -21.60 -9.64
N SER A 50 -8.54 -21.14 -10.21
CA SER A 50 -7.92 -21.79 -11.35
C SER A 50 -7.67 -23.26 -11.05
N THR A 51 -7.31 -23.56 -9.81
CA THR A 51 -7.06 -24.94 -9.42
C THR A 51 -8.34 -25.79 -9.52
N PHE A 52 -9.46 -25.24 -9.06
CA PHE A 52 -10.72 -25.98 -9.11
C PHE A 52 -11.14 -26.10 -10.55
N ARG A 53 -10.91 -25.04 -11.31
CA ARG A 53 -11.25 -25.04 -12.72
C ARG A 53 -10.60 -26.23 -13.39
N ASP A 54 -9.30 -26.34 -13.23
CA ASP A 54 -8.54 -27.43 -13.84
C ASP A 54 -8.88 -28.83 -13.38
N SER A 55 -9.56 -28.97 -12.25
CA SER A 55 -9.92 -30.30 -11.79
C SER A 55 -11.42 -30.49 -11.78
N MET A 56 -12.11 -29.83 -12.71
CA MET A 56 -13.56 -29.95 -12.79
C MET A 56 -13.98 -31.29 -13.37
N ALA A 57 -13.05 -31.95 -14.06
CA ALA A 57 -13.34 -33.26 -14.63
C ALA A 57 -13.54 -34.24 -13.48
N LYS A 58 -12.58 -34.27 -12.57
CA LYS A 58 -12.60 -35.15 -11.41
C LYS A 58 -13.86 -34.98 -10.57
N PHE A 59 -14.41 -33.78 -10.55
CA PHE A 59 -15.60 -33.52 -9.75
C PHE A 59 -16.89 -33.99 -10.43
N ASN A 60 -17.01 -33.69 -11.72
CA ASN A 60 -18.19 -34.05 -12.50
C ASN A 60 -18.39 -35.54 -12.74
N GLU A 61 -17.50 -36.37 -12.18
CA GLU A 61 -17.62 -37.82 -12.37
C GLU A 61 -17.75 -38.56 -11.06
N VAL A 62 -18.05 -37.82 -10.02
CA VAL A 62 -18.28 -38.37 -8.69
C VAL A 62 -19.52 -37.57 -8.38
N ASN A 63 -19.96 -36.86 -9.43
CA ASN A 63 -21.13 -36.01 -9.40
C ASN A 63 -21.12 -35.04 -8.23
N ALA A 64 -20.18 -34.11 -8.26
CA ALA A 64 -20.05 -33.10 -7.22
C ALA A 64 -19.96 -31.75 -7.93
N VAL A 65 -20.38 -30.69 -7.25
CA VAL A 65 -20.32 -29.37 -7.85
C VAL A 65 -19.56 -28.41 -6.95
N VAL A 66 -18.71 -27.59 -7.57
CA VAL A 66 -17.92 -26.59 -6.87
C VAL A 66 -18.57 -25.24 -7.07
N ILE A 67 -18.66 -24.47 -6.00
CA ILE A 67 -19.27 -23.13 -6.06
C ILE A 67 -18.38 -22.07 -5.45
N GLY A 68 -18.19 -20.98 -6.18
CA GLY A 68 -17.36 -19.91 -5.70
C GLY A 68 -18.18 -18.83 -5.03
N ILE A 69 -17.69 -18.35 -3.89
CA ILE A 69 -18.39 -17.32 -3.14
C ILE A 69 -17.44 -16.25 -2.64
N SER A 70 -17.75 -14.99 -2.97
CA SER A 70 -16.96 -13.86 -2.53
C SER A 70 -17.98 -12.75 -2.38
N VAL A 71 -17.65 -11.69 -1.66
CA VAL A 71 -18.61 -10.60 -1.50
C VAL A 71 -18.55 -9.63 -2.66
N ASP A 72 -17.78 -9.98 -3.69
CA ASP A 72 -17.64 -9.15 -4.89
C ASP A 72 -18.95 -9.07 -5.65
N PRO A 73 -19.20 -7.97 -6.37
CA PRO A 73 -20.43 -7.83 -7.13
C PRO A 73 -20.49 -8.86 -8.23
N PRO A 74 -21.69 -9.17 -8.74
CA PRO A 74 -21.79 -10.16 -9.82
C PRO A 74 -21.06 -9.72 -11.10
N PHE A 75 -21.07 -8.41 -11.37
CA PHE A 75 -20.41 -7.88 -12.56
C PHE A 75 -18.91 -8.17 -12.58
N SER A 76 -18.23 -7.82 -11.50
CA SER A 76 -16.80 -8.04 -11.38
C SER A 76 -16.48 -9.53 -11.40
N ASN A 77 -17.23 -10.30 -10.61
CA ASN A 77 -17.03 -11.74 -10.55
C ASN A 77 -17.20 -12.37 -11.92
N LYS A 78 -18.09 -11.81 -12.73
CA LYS A 78 -18.28 -12.33 -14.07
C LYS A 78 -16.97 -12.17 -14.84
N ALA A 79 -16.53 -10.92 -15.00
CA ALA A 79 -15.28 -10.62 -15.69
C ALA A 79 -14.19 -11.53 -15.12
N PHE A 80 -14.21 -11.71 -13.81
CA PHE A 80 -13.24 -12.56 -13.15
C PHE A 80 -13.38 -13.98 -13.67
N LYS A 81 -14.60 -14.47 -13.69
CA LYS A 81 -14.89 -15.83 -14.15
C LYS A 81 -14.45 -16.10 -15.59
N GLU A 82 -14.79 -15.19 -16.50
CA GLU A 82 -14.43 -15.36 -17.90
C GLU A 82 -12.92 -15.27 -18.12
N GLN A 83 -12.32 -14.18 -17.69
CA GLN A 83 -10.90 -13.97 -17.85
C GLN A 83 -10.03 -15.11 -17.34
N ASN A 84 -10.61 -16.04 -16.58
CA ASN A 84 -9.83 -17.16 -16.09
C ASN A 84 -10.42 -18.47 -16.58
N LYS A 85 -11.32 -18.36 -17.54
CA LYS A 85 -11.96 -19.53 -18.12
C LYS A 85 -12.51 -20.43 -17.03
N ILE A 86 -13.21 -19.84 -16.06
CA ILE A 86 -13.80 -20.62 -14.98
C ILE A 86 -15.12 -21.21 -15.45
N ASN A 87 -15.38 -22.43 -15.03
CA ASN A 87 -16.59 -23.16 -15.40
C ASN A 87 -17.62 -23.28 -14.30
N PHE A 88 -17.19 -23.66 -13.10
CA PHE A 88 -18.13 -23.79 -11.99
C PHE A 88 -18.77 -22.45 -11.72
N THR A 89 -19.92 -22.46 -11.05
CA THR A 89 -20.64 -21.22 -10.76
C THR A 89 -19.98 -20.38 -9.67
N ILE A 90 -20.14 -19.07 -9.80
CA ILE A 90 -19.58 -18.14 -8.83
C ILE A 90 -20.65 -17.16 -8.42
N VAL A 91 -21.04 -17.23 -7.16
CA VAL A 91 -22.09 -16.36 -6.63
C VAL A 91 -21.55 -15.17 -5.86
N SER A 92 -22.36 -14.13 -5.80
CA SER A 92 -22.00 -12.88 -5.15
C SER A 92 -22.70 -12.62 -3.81
N ASP A 93 -21.92 -12.63 -2.73
CA ASP A 93 -22.42 -12.39 -1.38
C ASP A 93 -22.28 -10.92 -1.04
N PHE A 94 -22.75 -10.06 -1.94
CA PHE A 94 -22.62 -8.63 -1.75
C PHE A 94 -23.15 -8.03 -0.45
N ASN A 95 -24.00 -8.77 0.27
CA ASN A 95 -24.50 -8.26 1.54
C ASN A 95 -23.98 -9.07 2.71
N ARG A 96 -22.89 -9.79 2.48
CA ARG A 96 -22.25 -10.59 3.51
C ARG A 96 -23.22 -11.54 4.20
N GLU A 97 -24.30 -11.92 3.54
CA GLU A 97 -25.26 -12.83 4.14
C GLU A 97 -24.68 -14.23 4.38
N ALA A 98 -23.99 -14.76 3.38
CA ALA A 98 -23.43 -16.09 3.48
C ALA A 98 -22.18 -16.16 4.38
N VAL A 99 -21.33 -15.14 4.30
CA VAL A 99 -20.14 -15.17 5.14
C VAL A 99 -20.56 -15.15 6.60
N LYS A 100 -21.64 -14.44 6.88
CA LYS A 100 -22.15 -14.38 8.25
C LYS A 100 -22.83 -15.70 8.60
N ALA A 101 -23.72 -16.16 7.72
CA ALA A 101 -24.42 -17.42 7.97
C ALA A 101 -23.45 -18.57 8.24
N TYR A 102 -22.35 -18.61 7.49
CA TYR A 102 -21.35 -19.67 7.67
C TYR A 102 -20.25 -19.32 8.67
N GLY A 103 -20.35 -18.13 9.26
CA GLY A 103 -19.36 -17.72 10.24
C GLY A 103 -17.95 -17.57 9.71
N VAL A 104 -17.81 -17.02 8.51
CA VAL A 104 -16.49 -16.84 7.92
C VAL A 104 -16.22 -15.41 7.51
N ALA A 105 -16.96 -14.48 8.13
CA ALA A 105 -16.79 -13.05 7.88
C ALA A 105 -15.51 -12.55 8.54
N GLY A 106 -14.79 -11.66 7.87
CA GLY A 106 -13.55 -11.14 8.41
C GLY A 106 -13.03 -9.97 7.59
N GLU A 107 -11.72 -9.77 7.62
CA GLU A 107 -11.12 -8.69 6.85
C GLU A 107 -9.71 -9.05 6.43
N LEU A 108 -9.22 -8.40 5.39
CA LEU A 108 -7.86 -8.63 4.94
C LEU A 108 -6.98 -7.72 5.78
N PRO A 109 -5.91 -8.26 6.37
CA PRO A 109 -5.00 -7.45 7.19
C PRO A 109 -4.65 -6.20 6.41
N ILE A 110 -4.58 -6.36 5.09
CA ILE A 110 -4.24 -5.27 4.21
C ILE A 110 -5.33 -4.23 3.95
N LEU A 111 -6.56 -4.48 4.40
CA LEU A 111 -7.65 -3.51 4.19
C LEU A 111 -8.73 -3.50 5.27
N LYS A 112 -8.48 -2.78 6.36
CA LYS A 112 -9.43 -2.68 7.47
C LYS A 112 -10.72 -1.99 7.07
N GLY A 113 -11.84 -2.44 7.65
CA GLY A 113 -13.11 -1.83 7.34
C GLY A 113 -13.84 -2.46 6.18
N TYR A 114 -13.17 -3.35 5.46
CA TYR A 114 -13.79 -4.02 4.32
C TYR A 114 -14.10 -5.43 4.76
N VAL A 115 -15.38 -5.68 5.02
CA VAL A 115 -15.82 -7.01 5.46
C VAL A 115 -15.91 -7.95 4.27
N LEU A 116 -15.17 -9.05 4.34
CA LEU A 116 -15.20 -10.01 3.25
C LEU A 116 -15.11 -11.41 3.81
N ALA A 117 -14.96 -12.38 2.92
CA ALA A 117 -14.88 -13.76 3.36
C ALA A 117 -13.44 -14.17 3.68
N LYS A 118 -13.27 -15.00 4.70
CA LYS A 118 -11.94 -15.52 5.00
C LYS A 118 -11.88 -16.75 4.08
N ARG A 119 -10.79 -16.93 3.36
CA ARG A 119 -10.68 -18.08 2.48
C ARG A 119 -11.06 -19.30 3.29
N SER A 120 -12.10 -20.00 2.85
CA SER A 120 -12.59 -21.19 3.54
C SER A 120 -13.29 -22.17 2.60
N VAL A 121 -13.25 -23.46 2.96
CA VAL A 121 -13.89 -24.47 2.15
C VAL A 121 -14.85 -25.34 2.97
N PHE A 122 -16.07 -25.47 2.46
CA PHE A 122 -17.11 -26.29 3.09
C PHE A 122 -17.57 -27.37 2.12
N VAL A 123 -17.59 -28.62 2.56
CA VAL A 123 -18.03 -29.71 1.72
C VAL A 123 -19.34 -30.29 2.26
N ILE A 124 -20.44 -29.99 1.57
CA ILE A 124 -21.79 -30.42 1.93
C ILE A 124 -22.10 -31.75 1.24
N ASP A 125 -22.64 -32.72 1.97
CA ASP A 125 -22.97 -34.00 1.35
C ASP A 125 -24.27 -33.99 0.55
N LYS A 126 -24.72 -35.17 0.16
CA LYS A 126 -25.95 -35.34 -0.62
C LYS A 126 -27.20 -34.99 0.17
N ASN A 127 -27.12 -35.07 1.48
CA ASN A 127 -28.26 -34.76 2.35
C ASN A 127 -28.21 -33.34 2.89
N GLY A 128 -27.22 -32.56 2.44
CA GLY A 128 -27.09 -31.19 2.88
C GLY A 128 -26.46 -31.00 4.25
N ILE A 129 -25.64 -31.95 4.67
CA ILE A 129 -24.97 -31.85 5.95
C ILE A 129 -23.50 -31.50 5.76
N VAL A 130 -23.05 -30.46 6.47
CA VAL A 130 -21.66 -30.01 6.41
C VAL A 130 -20.75 -31.13 6.91
N ARG A 131 -19.92 -31.68 6.04
CA ARG A 131 -19.04 -32.79 6.43
C ARG A 131 -17.57 -32.42 6.51
N TYR A 132 -17.19 -31.31 5.88
CA TYR A 132 -15.80 -30.88 5.90
C TYR A 132 -15.75 -29.37 6.03
N LYS A 133 -14.82 -28.89 6.84
CA LYS A 133 -14.67 -27.46 7.05
C LYS A 133 -13.20 -27.05 7.10
N TRP A 134 -12.93 -25.86 6.60
CA TRP A 134 -11.57 -25.33 6.59
C TRP A 134 -11.66 -23.81 6.44
N VAL A 135 -11.03 -23.10 7.37
CA VAL A 135 -11.03 -21.65 7.33
C VAL A 135 -9.62 -21.11 7.59
N SER A 136 -9.28 -20.01 6.94
CA SER A 136 -7.96 -19.38 7.11
C SER A 136 -8.01 -17.87 7.07
N GLU A 137 -7.82 -17.23 8.22
CA GLU A 137 -7.85 -15.77 8.29
C GLU A 137 -6.67 -15.23 7.46
N ASP A 138 -5.56 -15.95 7.50
CA ASP A 138 -4.39 -15.59 6.71
C ASP A 138 -4.84 -15.79 5.26
N PRO A 139 -5.07 -14.71 4.52
CA PRO A 139 -5.52 -14.78 3.11
C PRO A 139 -4.47 -15.35 2.18
N THR A 140 -3.36 -15.77 2.76
CA THR A 140 -2.23 -16.27 2.00
C THR A 140 -2.20 -17.78 1.79
N LYS A 141 -2.80 -18.53 2.69
CA LYS A 141 -2.79 -19.98 2.57
C LYS A 141 -3.87 -20.50 1.62
N GLU A 142 -3.55 -21.56 0.87
CA GLU A 142 -4.48 -22.19 -0.06
C GLU A 142 -5.06 -23.41 0.65
N PRO A 143 -6.22 -23.91 0.19
CA PRO A 143 -6.85 -25.09 0.80
C PRO A 143 -6.05 -26.36 0.58
N ASN A 144 -6.46 -27.44 1.22
CA ASN A 144 -5.79 -28.72 1.01
C ASN A 144 -6.55 -29.43 -0.11
N TYR A 145 -6.27 -29.02 -1.35
CA TYR A 145 -6.94 -29.56 -2.53
C TYR A 145 -7.11 -31.06 -2.64
N ASP A 146 -6.08 -31.83 -2.31
CA ASP A 146 -6.24 -33.27 -2.40
C ASP A 146 -7.14 -33.78 -1.29
N GLU A 147 -6.93 -33.27 -0.08
CA GLU A 147 -7.75 -33.66 1.06
C GLU A 147 -9.23 -33.39 0.80
N ILE A 148 -9.50 -32.40 -0.04
CA ILE A 148 -10.87 -32.05 -0.38
C ILE A 148 -11.40 -33.07 -1.39
N LYS A 149 -10.57 -33.40 -2.37
CA LYS A 149 -10.94 -34.37 -3.39
C LYS A 149 -11.26 -35.71 -2.73
N ASP A 150 -10.39 -36.16 -1.83
CA ASP A 150 -10.61 -37.43 -1.14
C ASP A 150 -12.00 -37.42 -0.52
N VAL A 151 -12.28 -36.39 0.27
CA VAL A 151 -13.56 -36.26 0.96
C VAL A 151 -14.75 -36.25 0.01
N VAL A 152 -14.65 -35.51 -1.08
CA VAL A 152 -15.73 -35.45 -2.05
C VAL A 152 -16.00 -36.83 -2.65
N THR A 153 -14.94 -37.61 -2.83
CA THR A 153 -15.08 -38.95 -3.39
C THR A 153 -15.83 -39.83 -2.40
N LYS A 154 -15.29 -39.93 -1.19
CA LYS A 154 -15.89 -40.72 -0.14
C LYS A 154 -17.37 -40.36 0.03
N LEU A 155 -17.68 -39.06 0.04
CA LEU A 155 -19.05 -38.60 0.22
C LEU A 155 -19.98 -38.94 -0.94
N SER A 156 -19.44 -38.99 -2.15
CA SER A 156 -20.25 -39.33 -3.32
C SER A 156 -20.63 -40.80 -3.32
N LEU A 157 -19.87 -41.60 -2.58
CA LEU A 157 -20.11 -43.03 -2.49
C LEU A 157 -21.09 -43.38 -1.39
N GLU A 158 -22.04 -42.48 -1.12
CA GLU A 158 -23.03 -42.71 -0.08
C GLU A 158 -24.42 -42.55 -0.68
N MET B 1 -27.45 16.08 1.02
CA MET B 1 -27.06 16.16 -0.42
C MET B 1 -26.04 17.24 -0.73
N VAL B 2 -25.64 17.27 -2.00
CA VAL B 2 -24.70 18.21 -2.51
C VAL B 2 -25.52 19.04 -3.47
N GLU B 3 -25.41 20.35 -3.36
CA GLU B 3 -26.13 21.26 -4.24
C GLU B 3 -25.08 22.22 -4.80
N ILE B 4 -25.38 22.85 -5.93
CA ILE B 4 -24.44 23.75 -6.59
C ILE B 4 -23.84 24.94 -5.83
N GLY B 5 -23.83 24.89 -4.51
CA GLY B 5 -23.25 26.00 -3.79
C GLY B 5 -22.49 25.51 -2.57
N GLU B 6 -22.81 24.29 -2.17
CA GLU B 6 -22.21 23.68 -1.01
C GLU B 6 -20.81 23.17 -1.21
N LYS B 7 -20.06 23.18 -0.12
CA LYS B 7 -18.71 22.68 -0.13
C LYS B 7 -18.92 21.21 -0.42
N ALA B 8 -17.94 20.56 -1.04
CA ALA B 8 -18.08 19.15 -1.33
C ALA B 8 -17.84 18.34 -0.05
N PRO B 9 -18.74 17.39 0.24
CA PRO B 9 -18.62 16.56 1.44
C PRO B 9 -17.25 15.90 1.50
N GLU B 10 -16.56 16.11 2.62
CA GLU B 10 -15.23 15.54 2.82
C GLU B 10 -15.34 14.03 3.05
N ILE B 11 -14.77 13.25 2.13
CA ILE B 11 -14.81 11.80 2.24
C ILE B 11 -13.43 11.20 2.04
N GLU B 12 -13.17 10.07 2.68
CA GLU B 12 -11.88 9.40 2.55
C GLU B 12 -12.07 7.98 2.02
N LEU B 13 -11.67 7.77 0.77
CA LEU B 13 -11.79 6.46 0.13
C LEU B 13 -10.44 5.95 -0.35
N VAL B 14 -10.32 4.64 -0.47
CA VAL B 14 -9.10 4.00 -0.92
C VAL B 14 -9.08 3.78 -2.45
N ASP B 15 -7.94 4.07 -3.08
CA ASP B 15 -7.81 3.89 -4.52
C ASP B 15 -7.40 2.47 -4.85
N THR B 16 -7.31 2.17 -6.15
CA THR B 16 -6.96 0.83 -6.62
C THR B 16 -5.63 0.28 -6.11
N ASP B 17 -4.90 1.12 -5.37
CA ASP B 17 -3.62 0.68 -4.81
C ASP B 17 -3.66 0.59 -3.30
N LEU B 18 -4.84 0.86 -2.74
CA LEU B 18 -5.06 0.82 -1.30
C LEU B 18 -4.56 2.06 -0.60
N LYS B 19 -4.35 3.12 -1.37
CA LYS B 19 -3.90 4.39 -0.82
C LYS B 19 -5.13 5.22 -0.48
N LYS B 20 -5.14 5.84 0.68
CA LYS B 20 -6.26 6.68 1.08
C LYS B 20 -6.27 7.94 0.23
N VAL B 21 -7.45 8.38 -0.18
CA VAL B 21 -7.59 9.58 -1.00
C VAL B 21 -8.66 10.44 -0.36
N LYS B 22 -8.25 11.60 0.16
CA LYS B 22 -9.19 12.49 0.82
C LYS B 22 -9.81 13.51 -0.13
N ILE B 23 -11.12 13.41 -0.34
CA ILE B 23 -11.82 14.33 -1.22
C ILE B 23 -12.79 15.19 -0.41
N PRO B 24 -12.76 16.51 -0.62
CA PRO B 24 -11.93 17.27 -1.55
C PRO B 24 -10.57 17.76 -1.03
N SER B 25 -10.35 17.68 0.28
CA SER B 25 -9.10 18.15 0.88
C SER B 25 -7.81 17.97 0.05
N ASP B 26 -7.40 16.73 -0.18
CA ASP B 26 -6.19 16.47 -0.95
C ASP B 26 -6.13 17.13 -2.32
N PHE B 27 -7.15 17.89 -2.70
CA PHE B 27 -7.13 18.52 -4.02
C PHE B 27 -7.46 20.01 -3.98
N LYS B 28 -7.02 20.67 -2.92
CA LYS B 28 -7.24 22.10 -2.79
C LYS B 28 -6.49 22.80 -3.92
N GLY B 29 -7.06 23.87 -4.44
CA GLY B 29 -6.38 24.58 -5.51
C GLY B 29 -6.64 24.10 -6.93
N LYS B 30 -6.99 22.83 -7.10
CA LYS B 30 -7.25 22.35 -8.45
C LYS B 30 -8.67 21.88 -8.63
N VAL B 31 -9.15 21.96 -9.86
CA VAL B 31 -10.51 21.54 -10.19
C VAL B 31 -10.56 20.02 -10.21
N VAL B 32 -11.56 19.46 -9.55
CA VAL B 32 -11.68 18.01 -9.54
C VAL B 32 -13.02 17.59 -10.13
N VAL B 33 -12.99 16.51 -10.88
CA VAL B 33 -14.20 15.98 -11.49
C VAL B 33 -14.44 14.59 -10.96
N LEU B 34 -15.50 14.43 -10.18
CA LEU B 34 -15.86 13.13 -9.63
C LEU B 34 -16.85 12.46 -10.56
N ALA B 35 -16.45 11.33 -11.13
CA ALA B 35 -17.32 10.61 -12.04
C ALA B 35 -17.76 9.32 -11.36
N PHE B 36 -18.99 9.32 -10.85
CA PHE B 36 -19.57 8.16 -10.19
C PHE B 36 -20.10 7.26 -11.29
N TYR B 37 -19.81 5.97 -11.20
CA TYR B 37 -20.32 5.02 -12.17
C TYR B 37 -20.84 3.79 -11.42
N PRO B 38 -21.91 3.15 -11.93
CA PRO B 38 -22.57 1.96 -11.35
C PRO B 38 -21.70 0.75 -11.06
N ALA B 39 -21.19 0.13 -12.12
CA ALA B 39 -20.37 -1.06 -11.94
C ALA B 39 -19.20 -1.14 -12.90
N ALA B 40 -18.05 -1.54 -12.37
CA ALA B 40 -16.89 -1.70 -13.21
C ALA B 40 -17.18 -2.94 -14.07
N PHE B 41 -16.57 -3.00 -15.24
CA PHE B 41 -16.76 -4.12 -16.17
C PHE B 41 -18.16 -4.17 -16.80
N THR B 42 -18.60 -3.02 -17.29
CA THR B 42 -19.88 -2.94 -17.96
C THR B 42 -19.69 -1.98 -19.13
N SER B 43 -20.40 -2.25 -20.21
CA SER B 43 -20.30 -1.46 -21.42
C SER B 43 -20.22 0.04 -21.19
N VAL B 44 -21.32 0.62 -20.75
CA VAL B 44 -21.40 2.05 -20.52
C VAL B 44 -20.31 2.62 -19.60
N SER B 45 -20.09 1.98 -18.46
CA SER B 45 -19.06 2.47 -17.54
C SER B 45 -17.67 2.38 -18.18
N THR B 46 -17.44 1.33 -18.96
CA THR B 46 -16.16 1.17 -19.64
C THR B 46 -15.98 2.31 -20.63
N LYS B 47 -17.04 2.59 -21.38
CA LYS B 47 -17.02 3.66 -22.36
C LYS B 47 -16.72 4.98 -21.69
N GLU B 48 -17.54 5.33 -20.70
CA GLU B 48 -17.39 6.58 -19.97
C GLU B 48 -15.97 6.81 -19.43
N MET B 49 -15.43 5.81 -18.74
CA MET B 49 -14.09 5.93 -18.19
C MET B 49 -13.04 6.03 -19.31
N SER B 50 -13.22 5.25 -20.37
CA SER B 50 -12.29 5.31 -21.49
C SER B 50 -12.30 6.72 -22.07
N THR B 51 -13.49 7.32 -22.15
CA THR B 51 -13.61 8.66 -22.69
C THR B 51 -12.83 9.68 -21.86
N PHE B 52 -12.87 9.54 -20.54
CA PHE B 52 -12.13 10.46 -19.68
C PHE B 52 -10.63 10.19 -19.81
N ARG B 53 -10.28 8.92 -19.96
CA ARG B 53 -8.88 8.55 -20.12
C ARG B 53 -8.32 9.28 -21.32
N ASP B 54 -9.02 9.14 -22.45
CA ASP B 54 -8.60 9.77 -23.68
C ASP B 54 -8.44 11.28 -23.59
N SER B 55 -9.38 11.95 -22.93
CA SER B 55 -9.26 13.40 -22.83
C SER B 55 -8.35 13.81 -21.67
N MET B 56 -7.58 12.86 -21.15
CA MET B 56 -6.69 13.14 -20.03
C MET B 56 -5.79 14.37 -20.21
N ALA B 57 -5.24 14.55 -21.41
CA ALA B 57 -4.36 15.69 -21.67
C ALA B 57 -5.10 17.03 -21.51
N LYS B 58 -6.26 17.16 -22.16
CA LYS B 58 -7.05 18.38 -22.08
C LYS B 58 -7.21 18.76 -20.62
N PHE B 59 -7.45 17.78 -19.76
CA PHE B 59 -7.63 18.04 -18.34
C PHE B 59 -6.34 18.48 -17.66
N ASN B 60 -5.22 17.85 -18.03
CA ASN B 60 -3.94 18.22 -17.44
C ASN B 60 -3.67 19.69 -17.72
N GLU B 61 -3.97 20.10 -18.95
CA GLU B 61 -3.76 21.48 -19.36
C GLU B 61 -4.33 22.48 -18.35
N VAL B 62 -5.60 22.32 -18.01
CA VAL B 62 -6.29 23.19 -17.07
C VAL B 62 -6.15 22.83 -15.60
N ASN B 63 -5.10 22.08 -15.27
CA ASN B 63 -4.86 21.67 -13.89
C ASN B 63 -6.15 21.14 -13.27
N ALA B 64 -6.67 20.05 -13.85
CA ALA B 64 -7.89 19.41 -13.38
C ALA B 64 -7.68 17.90 -13.30
N VAL B 65 -8.09 17.30 -12.20
CA VAL B 65 -7.94 15.87 -12.01
C VAL B 65 -9.30 15.15 -11.94
N VAL B 66 -9.45 14.12 -12.76
CA VAL B 66 -10.67 13.33 -12.80
C VAL B 66 -10.57 12.12 -11.90
N ILE B 67 -11.58 11.92 -11.06
CA ILE B 67 -11.60 10.79 -10.15
C ILE B 67 -12.87 9.98 -10.35
N GLY B 68 -12.70 8.69 -10.63
CA GLY B 68 -13.83 7.82 -10.82
C GLY B 68 -14.20 7.18 -9.51
N ILE B 69 -15.50 7.01 -9.27
CA ILE B 69 -15.95 6.40 -8.03
C ILE B 69 -17.06 5.39 -8.30
N SER B 70 -16.92 4.21 -7.69
CA SER B 70 -17.91 3.15 -7.80
C SER B 70 -17.86 2.39 -6.47
N VAL B 71 -18.96 1.70 -6.14
CA VAL B 71 -19.03 0.95 -4.90
C VAL B 71 -18.29 -0.38 -5.01
N ASP B 72 -17.63 -0.59 -6.15
CA ASP B 72 -16.85 -1.82 -6.40
C ASP B 72 -15.67 -1.89 -5.45
N PRO B 73 -15.15 -3.10 -5.19
CA PRO B 73 -14.00 -3.28 -4.30
C PRO B 73 -12.73 -2.79 -5.01
N PRO B 74 -11.72 -2.38 -4.24
CA PRO B 74 -10.45 -1.88 -4.80
C PRO B 74 -9.81 -2.84 -5.79
N PHE B 75 -9.74 -4.10 -5.37
CA PHE B 75 -9.12 -5.14 -6.18
C PHE B 75 -9.75 -5.27 -7.56
N SER B 76 -11.07 -5.17 -7.64
CA SER B 76 -11.75 -5.28 -8.93
C SER B 76 -11.57 -3.98 -9.69
N ASN B 77 -11.64 -2.87 -8.99
CA ASN B 77 -11.47 -1.58 -9.65
C ASN B 77 -10.06 -1.47 -10.19
N LYS B 78 -9.11 -2.11 -9.52
CA LYS B 78 -7.75 -2.07 -10.01
C LYS B 78 -7.70 -2.83 -11.32
N ALA B 79 -8.20 -4.06 -11.31
CA ALA B 79 -8.21 -4.86 -12.52
C ALA B 79 -8.93 -4.11 -13.62
N PHE B 80 -9.99 -3.42 -13.25
CA PHE B 80 -10.79 -2.67 -14.20
C PHE B 80 -10.00 -1.52 -14.81
N LYS B 81 -9.25 -0.84 -13.95
CA LYS B 81 -8.43 0.30 -14.31
C LYS B 81 -7.32 -0.05 -15.30
N GLU B 82 -6.63 -1.14 -15.03
CA GLU B 82 -5.53 -1.56 -15.88
C GLU B 82 -5.96 -2.06 -17.25
N GLN B 83 -6.95 -2.93 -17.27
CA GLN B 83 -7.42 -3.47 -18.53
C GLN B 83 -7.85 -2.42 -19.54
N ASN B 84 -8.19 -1.22 -19.08
CA ASN B 84 -8.60 -0.17 -20.00
C ASN B 84 -7.59 0.96 -20.05
N LYS B 85 -6.38 0.65 -19.60
CA LYS B 85 -5.32 1.64 -19.62
C LYS B 85 -5.82 2.98 -19.10
N ILE B 86 -6.47 2.95 -17.95
CA ILE B 86 -6.98 4.17 -17.34
C ILE B 86 -5.86 4.72 -16.46
N ASN B 87 -5.66 6.03 -16.49
CA ASN B 87 -4.61 6.60 -15.69
C ASN B 87 -4.96 7.70 -14.70
N PHE B 88 -6.25 7.91 -14.50
CA PHE B 88 -6.68 8.87 -13.49
C PHE B 88 -7.05 7.97 -12.33
N THR B 89 -7.15 8.53 -11.13
CA THR B 89 -7.48 7.74 -9.94
C THR B 89 -8.90 7.17 -9.90
N ILE B 90 -9.02 5.95 -9.36
CA ILE B 90 -10.31 5.31 -9.19
C ILE B 90 -10.40 4.78 -7.76
N VAL B 91 -11.37 5.29 -7.00
CA VAL B 91 -11.55 4.92 -5.60
C VAL B 91 -12.73 4.02 -5.31
N SER B 92 -12.57 3.16 -4.30
CA SER B 92 -13.62 2.22 -3.90
C SER B 92 -14.46 2.71 -2.73
N ASP B 93 -15.73 3.01 -3.02
CA ASP B 93 -16.67 3.48 -2.01
C ASP B 93 -17.45 2.28 -1.54
N PHE B 94 -16.73 1.27 -1.03
CA PHE B 94 -17.36 0.03 -0.61
C PHE B 94 -18.31 0.04 0.57
N ASN B 95 -18.36 1.15 1.31
CA ASN B 95 -19.30 1.24 2.42
C ASN B 95 -20.41 2.23 2.07
N ARG B 96 -20.50 2.52 0.78
CA ARG B 96 -21.51 3.40 0.24
C ARG B 96 -21.54 4.77 0.92
N GLU B 97 -20.48 5.09 1.64
CA GLU B 97 -20.38 6.37 2.33
C GLU B 97 -20.43 7.57 1.38
N ALA B 98 -19.81 7.44 0.21
CA ALA B 98 -19.79 8.52 -0.76
C ALA B 98 -21.11 8.65 -1.51
N VAL B 99 -21.60 7.55 -2.08
CA VAL B 99 -22.86 7.59 -2.83
C VAL B 99 -23.95 8.24 -1.99
N LYS B 100 -23.98 7.89 -0.70
CA LYS B 100 -24.98 8.44 0.21
C LYS B 100 -24.72 9.93 0.40
N ALA B 101 -23.49 10.27 0.79
CA ALA B 101 -23.13 11.66 1.01
C ALA B 101 -23.49 12.57 -0.18
N TYR B 102 -23.16 12.12 -1.38
CA TYR B 102 -23.46 12.93 -2.56
C TYR B 102 -24.88 12.72 -3.06
N GLY B 103 -25.64 11.95 -2.29
CA GLY B 103 -27.02 11.68 -2.65
C GLY B 103 -27.25 11.05 -4.01
N VAL B 104 -26.40 10.10 -4.38
CA VAL B 104 -26.58 9.45 -5.68
C VAL B 104 -26.67 7.93 -5.50
N ALA B 105 -27.03 7.51 -4.29
CA ALA B 105 -27.19 6.09 -4.00
C ALA B 105 -28.43 5.60 -4.74
N GLY B 106 -28.32 4.44 -5.38
CA GLY B 106 -29.43 3.87 -6.13
C GLY B 106 -29.46 2.36 -6.16
N GLU B 107 -30.29 1.80 -7.03
CA GLU B 107 -30.41 0.36 -7.12
C GLU B 107 -30.75 -0.07 -8.54
N LEU B 108 -30.24 -1.22 -8.96
CA LEU B 108 -30.56 -1.71 -10.29
C LEU B 108 -31.81 -2.56 -10.12
N PRO B 109 -32.86 -2.26 -10.88
CA PRO B 109 -34.11 -3.02 -10.78
C PRO B 109 -33.85 -4.52 -10.87
N ILE B 110 -32.88 -4.87 -11.71
CA ILE B 110 -32.52 -6.26 -11.95
C ILE B 110 -31.77 -6.91 -10.79
N LEU B 111 -31.04 -6.12 -10.01
CA LEU B 111 -30.30 -6.68 -8.89
C LEU B 111 -30.70 -5.99 -7.59
N LYS B 112 -31.95 -6.18 -7.21
CA LYS B 112 -32.49 -5.56 -6.01
C LYS B 112 -31.70 -5.92 -4.78
N GLY B 113 -31.56 -4.92 -3.91
CA GLY B 113 -30.80 -5.13 -2.69
C GLY B 113 -29.37 -4.63 -2.83
N TYR B 114 -28.86 -4.63 -4.05
CA TYR B 114 -27.49 -4.18 -4.31
C TYR B 114 -27.45 -2.67 -4.47
N VAL B 115 -26.90 -2.00 -3.47
CA VAL B 115 -26.80 -0.54 -3.50
C VAL B 115 -25.54 -0.09 -4.24
N LEU B 116 -25.72 0.63 -5.34
CA LEU B 116 -24.61 1.16 -6.12
C LEU B 116 -24.90 2.60 -6.50
N ALA B 117 -24.00 3.23 -7.25
CA ALA B 117 -24.16 4.63 -7.62
C ALA B 117 -24.87 4.86 -8.95
N LYS B 118 -25.57 5.99 -9.04
CA LYS B 118 -26.25 6.39 -10.26
C LYS B 118 -25.19 7.16 -11.04
N ARG B 119 -24.99 6.80 -12.31
CA ARG B 119 -23.97 7.47 -13.11
C ARG B 119 -24.17 8.98 -12.97
N SER B 120 -23.25 9.62 -12.27
CA SER B 120 -23.33 11.05 -12.05
C SER B 120 -21.96 11.72 -12.12
N VAL B 121 -21.96 13.04 -12.29
CA VAL B 121 -20.70 13.78 -12.36
C VAL B 121 -20.80 15.05 -11.53
N PHE B 122 -19.75 15.31 -10.77
CA PHE B 122 -19.69 16.48 -9.90
C PHE B 122 -18.36 17.19 -10.14
N VAL B 123 -18.40 18.49 -10.38
CA VAL B 123 -17.16 19.23 -10.54
C VAL B 123 -17.01 20.13 -9.33
N ILE B 124 -15.89 20.01 -8.65
CA ILE B 124 -15.63 20.82 -7.47
C ILE B 124 -14.61 21.88 -7.88
N ASP B 125 -14.77 23.12 -7.44
CA ASP B 125 -13.82 24.14 -7.83
C ASP B 125 -12.55 24.14 -6.97
N LYS B 126 -11.64 25.06 -7.25
CA LYS B 126 -10.39 25.14 -6.52
C LYS B 126 -10.56 25.38 -5.01
N ASN B 127 -11.75 25.79 -4.59
CA ASN B 127 -12.03 26.06 -3.18
C ASN B 127 -12.85 24.98 -2.49
N GLY B 128 -13.09 23.87 -3.18
CA GLY B 128 -13.84 22.78 -2.60
C GLY B 128 -15.35 22.92 -2.64
N ILE B 129 -15.84 23.78 -3.51
CA ILE B 129 -17.28 24.00 -3.65
C ILE B 129 -17.76 23.29 -4.89
N VAL B 130 -18.94 22.71 -4.82
CA VAL B 130 -19.48 22.01 -5.96
C VAL B 130 -20.02 23.11 -6.88
N ARG B 131 -19.67 23.04 -8.15
CA ARG B 131 -20.08 24.05 -9.11
C ARG B 131 -20.85 23.49 -10.30
N TYR B 132 -20.91 22.17 -10.39
CA TYR B 132 -21.62 21.50 -11.48
C TYR B 132 -22.04 20.12 -11.03
N LYS B 133 -23.29 19.77 -11.32
CA LYS B 133 -23.83 18.47 -10.96
C LYS B 133 -24.63 17.88 -12.10
N TRP B 134 -24.54 16.56 -12.26
CA TRP B 134 -25.27 15.86 -13.29
C TRP B 134 -25.53 14.43 -12.80
N VAL B 135 -26.80 14.03 -12.80
CA VAL B 135 -27.17 12.69 -12.37
C VAL B 135 -28.18 12.07 -13.32
N SER B 136 -28.03 10.78 -13.59
CA SER B 136 -28.94 10.07 -14.48
C SER B 136 -29.47 8.81 -13.79
N GLU B 137 -30.79 8.66 -13.76
CA GLU B 137 -31.42 7.49 -13.13
C GLU B 137 -31.13 6.31 -14.04
N ASP B 138 -31.15 6.60 -15.33
CA ASP B 138 -30.88 5.63 -16.37
C ASP B 138 -29.37 5.47 -16.51
N PRO B 139 -28.83 4.29 -16.16
CA PRO B 139 -27.40 4.05 -16.27
C PRO B 139 -26.85 3.85 -17.67
N THR B 140 -27.69 4.09 -18.68
CA THR B 140 -27.22 3.97 -20.06
C THR B 140 -26.79 5.31 -20.64
N LYS B 141 -27.29 6.40 -20.08
CA LYS B 141 -26.95 7.72 -20.54
C LYS B 141 -25.58 8.14 -19.99
N GLU B 142 -24.76 8.72 -20.86
CA GLU B 142 -23.42 9.18 -20.50
C GLU B 142 -23.46 10.67 -20.16
N PRO B 143 -22.41 11.15 -19.50
CA PRO B 143 -22.36 12.58 -19.14
C PRO B 143 -22.20 13.46 -20.37
N ASN B 144 -22.31 14.78 -20.17
CA ASN B 144 -22.15 15.72 -21.27
C ASN B 144 -20.67 16.11 -21.26
N TYR B 145 -19.82 15.17 -21.69
CA TYR B 145 -18.37 15.39 -21.70
C TYR B 145 -17.94 16.81 -22.07
N ASP B 146 -18.47 17.33 -23.17
CA ASP B 146 -18.09 18.68 -23.60
C ASP B 146 -18.46 19.73 -22.54
N GLU B 147 -19.70 19.72 -22.11
CA GLU B 147 -20.17 20.66 -21.10
C GLU B 147 -19.28 20.60 -19.87
N ILE B 148 -18.81 19.40 -19.55
CA ILE B 148 -17.95 19.22 -18.40
C ILE B 148 -16.62 19.93 -18.62
N LYS B 149 -15.99 19.67 -19.76
CA LYS B 149 -14.71 20.32 -20.08
C LYS B 149 -14.85 21.84 -19.98
N ASP B 150 -15.84 22.38 -20.68
CA ASP B 150 -16.06 23.82 -20.66
C ASP B 150 -16.11 24.34 -19.23
N VAL B 151 -16.87 23.68 -18.37
CA VAL B 151 -17.00 24.10 -16.98
C VAL B 151 -15.67 23.96 -16.23
N VAL B 152 -14.92 22.91 -16.54
CA VAL B 152 -13.65 22.70 -15.89
C VAL B 152 -12.70 23.84 -16.27
N THR B 153 -12.74 24.22 -17.54
CA THR B 153 -11.90 25.30 -18.02
C THR B 153 -12.31 26.62 -17.34
N LYS B 154 -13.59 26.98 -17.45
CA LYS B 154 -14.06 28.21 -16.82
C LYS B 154 -13.68 28.23 -15.35
N LEU B 155 -13.85 27.11 -14.67
CA LEU B 155 -13.53 27.05 -13.25
C LEU B 155 -12.04 27.15 -12.99
N SER B 156 -11.23 26.70 -13.93
CA SER B 156 -9.79 26.74 -13.77
C SER B 156 -9.24 28.17 -13.81
N LEU B 157 -9.95 29.07 -14.48
CA LEU B 157 -9.51 30.45 -14.60
C LEU B 157 -9.67 31.33 -13.36
N GLU B 158 -10.49 30.90 -12.41
CA GLU B 158 -10.70 31.73 -11.23
C GLU B 158 -9.60 31.49 -10.21
N MET C 1 27.64 -11.32 21.06
CA MET C 1 26.82 -12.36 20.40
C MET C 1 25.77 -12.96 21.32
N VAL C 2 24.64 -13.33 20.73
CA VAL C 2 23.53 -13.93 21.46
C VAL C 2 23.39 -15.40 21.07
N GLU C 3 23.17 -16.25 22.07
CA GLU C 3 23.01 -17.68 21.83
C GLU C 3 21.81 -18.26 22.56
N ILE C 4 21.25 -19.33 22.01
CA ILE C 4 20.12 -20.00 22.62
C ILE C 4 20.45 -20.28 24.09
N GLY C 5 19.51 -19.99 24.97
CA GLY C 5 19.74 -20.22 26.39
C GLY C 5 20.09 -18.95 27.14
N GLU C 6 20.64 -17.96 26.44
CA GLU C 6 21.01 -16.70 27.07
C GLU C 6 19.85 -15.73 27.18
N LYS C 7 20.04 -14.70 28.00
CA LYS C 7 19.03 -13.67 28.17
C LYS C 7 19.21 -12.74 26.97
N ALA C 8 18.11 -12.25 26.43
CA ALA C 8 18.18 -11.36 25.27
C ALA C 8 18.78 -10.01 25.65
N PRO C 9 19.81 -9.56 24.93
CA PRO C 9 20.43 -8.27 25.22
C PRO C 9 19.37 -7.17 25.29
N GLU C 10 19.33 -6.44 26.41
CA GLU C 10 18.37 -5.35 26.61
C GLU C 10 18.75 -4.13 25.77
N ILE C 11 17.83 -3.67 24.93
CA ILE C 11 18.08 -2.50 24.09
C ILE C 11 16.86 -1.61 24.02
N GLU C 12 17.08 -0.33 23.78
CA GLU C 12 15.99 0.63 23.70
C GLU C 12 16.07 1.39 22.40
N LEU C 13 15.05 1.25 21.58
CA LEU C 13 15.01 1.91 20.27
C LEU C 13 13.66 2.63 20.11
N VAL C 14 13.57 3.56 19.16
CA VAL C 14 12.30 4.26 18.97
C VAL C 14 11.53 3.67 17.79
N ASP C 15 10.22 3.49 17.97
CA ASP C 15 9.38 2.95 16.91
C ASP C 15 9.01 4.00 15.88
N THR C 16 8.14 3.65 14.96
CA THR C 16 7.75 4.58 13.91
C THR C 16 6.99 5.81 14.40
N ASP C 17 6.45 5.73 15.62
CA ASP C 17 5.74 6.89 16.17
C ASP C 17 6.70 7.62 17.11
N LEU C 18 7.99 7.37 16.94
CA LEU C 18 9.01 8.00 17.76
C LEU C 18 8.88 7.63 19.24
N LYS C 19 8.26 6.49 19.52
CA LYS C 19 8.08 6.06 20.90
C LYS C 19 9.23 5.16 21.35
N LYS C 20 9.52 5.15 22.64
CA LYS C 20 10.62 4.32 23.12
C LYS C 20 10.20 2.89 23.43
N VAL C 21 10.98 1.94 22.92
CA VAL C 21 10.69 0.52 23.12
C VAL C 21 11.88 -0.20 23.74
N LYS C 22 11.69 -0.70 24.95
CA LYS C 22 12.75 -1.42 25.62
C LYS C 22 12.54 -2.90 25.36
N ILE C 23 13.48 -3.49 24.64
CA ILE C 23 13.40 -4.91 24.29
C ILE C 23 14.52 -5.64 25.03
N PRO C 24 14.18 -6.71 25.76
CA PRO C 24 12.85 -7.30 25.95
C PRO C 24 12.09 -6.95 27.24
N SER C 25 12.66 -6.11 28.10
CA SER C 25 11.98 -5.80 29.36
C SER C 25 10.52 -5.39 29.20
N ASP C 26 10.20 -4.58 28.19
CA ASP C 26 8.82 -4.16 27.99
C ASP C 26 7.84 -5.29 27.82
N PHE C 27 8.27 -6.37 27.17
CA PHE C 27 7.38 -7.49 26.90
C PHE C 27 7.50 -8.71 27.77
N LYS C 28 7.87 -8.51 29.03
CA LYS C 28 7.99 -9.62 29.96
C LYS C 28 6.60 -10.24 30.06
N GLY C 29 6.54 -11.56 30.06
CA GLY C 29 5.24 -12.21 30.18
C GLY C 29 4.71 -12.75 28.87
N LYS C 30 5.20 -12.24 27.75
CA LYS C 30 4.73 -12.73 26.45
C LYS C 30 5.87 -13.00 25.47
N VAL C 31 5.65 -13.95 24.57
CA VAL C 31 6.67 -14.31 23.60
C VAL C 31 6.86 -13.19 22.58
N VAL C 32 8.12 -12.88 22.28
CA VAL C 32 8.43 -11.84 21.31
C VAL C 32 9.19 -12.42 20.13
N VAL C 33 8.98 -11.83 18.96
CA VAL C 33 9.68 -12.27 17.76
C VAL C 33 10.41 -11.10 17.14
N LEU C 34 11.73 -11.10 17.30
CA LEU C 34 12.59 -10.07 16.75
C LEU C 34 12.91 -10.37 15.28
N ALA C 35 12.41 -9.52 14.40
CA ALA C 35 12.62 -9.70 12.98
C ALA C 35 13.54 -8.63 12.39
N PHE C 36 14.84 -8.89 12.37
CA PHE C 36 15.77 -7.91 11.80
C PHE C 36 15.73 -7.98 10.27
N TYR C 37 15.61 -6.84 9.61
CA TYR C 37 15.63 -6.84 8.16
C TYR C 37 16.63 -5.79 7.71
N PRO C 38 17.32 -6.03 6.58
CA PRO C 38 18.33 -5.09 6.04
C PRO C 38 17.88 -3.68 5.72
N ALA C 39 17.02 -3.55 4.72
CA ALA C 39 16.55 -2.22 4.33
C ALA C 39 15.07 -2.18 3.94
N ALA C 40 14.41 -1.09 4.32
CA ALA C 40 13.00 -0.90 4.01
C ALA C 40 12.86 -0.54 2.54
N PHE C 41 11.70 -0.87 1.96
CA PHE C 41 11.41 -0.60 0.56
C PHE C 41 12.23 -1.47 -0.37
N THR C 42 12.50 -2.68 0.06
CA THR C 42 13.22 -3.63 -0.76
C THR C 42 12.31 -4.86 -0.87
N SER C 43 12.16 -5.36 -2.09
CA SER C 43 11.30 -6.51 -2.36
C SER C 43 11.28 -7.59 -1.28
N VAL C 44 12.41 -8.22 -1.00
CA VAL C 44 12.44 -9.29 0.00
C VAL C 44 11.99 -8.84 1.39
N SER C 45 12.48 -7.68 1.82
CA SER C 45 12.08 -7.14 3.12
C SER C 45 10.57 -6.85 3.15
N THR C 46 10.07 -6.27 2.07
CA THR C 46 8.65 -5.97 1.95
C THR C 46 7.88 -7.29 2.03
N LYS C 47 8.41 -8.30 1.35
CA LYS C 47 7.79 -9.62 1.32
C LYS C 47 7.72 -10.19 2.72
N GLU C 48 8.85 -10.18 3.42
CA GLU C 48 8.90 -10.73 4.77
C GLU C 48 7.95 -10.02 5.73
N MET C 49 7.97 -8.70 5.71
CA MET C 49 7.09 -7.96 6.60
C MET C 49 5.63 -8.24 6.28
N SER C 50 5.32 -8.29 5.00
CA SER C 50 3.96 -8.57 4.55
C SER C 50 3.47 -9.93 5.05
N THR C 51 4.38 -10.91 5.09
CA THR C 51 4.02 -12.23 5.55
C THR C 51 3.68 -12.20 7.03
N PHE C 52 4.47 -11.49 7.82
CA PHE C 52 4.19 -11.38 9.24
C PHE C 52 2.90 -10.62 9.42
N ARG C 53 2.69 -9.61 8.59
CA ARG C 53 1.47 -8.83 8.65
C ARG C 53 0.26 -9.75 8.45
N ASP C 54 0.32 -10.60 7.41
CA ASP C 54 -0.78 -11.49 7.09
C ASP C 54 -0.99 -12.67 8.03
N SER C 55 -0.04 -12.89 8.93
CA SER C 55 -0.18 -13.99 9.88
C SER C 55 -0.33 -13.47 11.31
N MET C 56 -0.64 -12.18 11.46
CA MET C 56 -0.77 -11.61 12.80
C MET C 56 -1.84 -12.27 13.65
N ALA C 57 -2.94 -12.70 13.02
CA ALA C 57 -4.03 -13.35 13.73
C ALA C 57 -3.53 -14.56 14.51
N LYS C 58 -2.68 -15.34 13.89
CA LYS C 58 -2.14 -16.52 14.53
C LYS C 58 -1.23 -16.12 15.67
N PHE C 59 -0.53 -15.00 15.52
CA PHE C 59 0.37 -14.52 16.55
C PHE C 59 -0.37 -13.91 17.74
N ASN C 60 -1.52 -13.29 17.50
CA ASN C 60 -2.28 -12.70 18.60
C ASN C 60 -2.89 -13.83 19.44
N GLU C 61 -3.29 -14.91 18.77
CA GLU C 61 -3.89 -16.05 19.45
C GLU C 61 -3.03 -16.60 20.57
N VAL C 62 -1.74 -16.77 20.29
CA VAL C 62 -0.81 -17.31 21.26
C VAL C 62 -0.16 -16.18 22.02
N ASN C 63 -0.76 -14.99 21.91
CA ASN C 63 -0.28 -13.81 22.60
C ASN C 63 1.24 -13.60 22.48
N ALA C 64 1.70 -13.41 21.26
CA ALA C 64 3.10 -13.20 20.97
C ALA C 64 3.21 -12.01 20.03
N VAL C 65 4.12 -11.10 20.35
CA VAL C 65 4.31 -9.91 19.53
C VAL C 65 5.48 -10.03 18.55
N VAL C 66 5.32 -9.40 17.40
CA VAL C 66 6.36 -9.39 16.39
C VAL C 66 6.90 -7.97 16.30
N ILE C 67 8.21 -7.84 16.31
CA ILE C 67 8.84 -6.53 16.23
C ILE C 67 9.85 -6.50 15.09
N GLY C 68 9.64 -5.61 14.13
CA GLY C 68 10.58 -5.50 13.04
C GLY C 68 11.71 -4.55 13.43
N ILE C 69 12.93 -4.88 13.03
CA ILE C 69 14.07 -4.02 13.35
C ILE C 69 14.99 -3.82 12.15
N SER C 70 15.33 -2.56 11.89
CA SER C 70 16.26 -2.23 10.81
C SER C 70 16.96 -0.94 11.18
N VAL C 71 18.10 -0.66 10.55
CA VAL C 71 18.84 0.55 10.84
C VAL C 71 18.25 1.76 10.13
N ASP C 72 17.09 1.56 9.52
CA ASP C 72 16.41 2.64 8.82
C ASP C 72 15.90 3.70 9.80
N PRO C 73 15.81 4.95 9.35
CA PRO C 73 15.33 6.03 10.21
C PRO C 73 13.87 5.78 10.56
N PRO C 74 13.42 6.28 11.72
CA PRO C 74 12.02 6.09 12.11
C PRO C 74 11.06 6.61 11.03
N PHE C 75 11.34 7.79 10.51
CA PHE C 75 10.50 8.42 9.48
C PHE C 75 10.33 7.56 8.23
N SER C 76 11.41 6.93 7.79
CA SER C 76 11.36 6.10 6.60
C SER C 76 10.68 4.77 6.87
N ASN C 77 10.89 4.24 8.07
CA ASN C 77 10.27 2.99 8.47
C ASN C 77 8.77 3.23 8.64
N LYS C 78 8.41 4.46 9.02
CA LYS C 78 7.02 4.78 9.21
C LYS C 78 6.35 4.71 7.85
N ALA C 79 6.94 5.38 6.87
CA ALA C 79 6.40 5.35 5.52
C ALA C 79 6.36 3.90 5.05
N PHE C 80 7.41 3.15 5.36
CA PHE C 80 7.50 1.76 4.97
C PHE C 80 6.33 0.98 5.56
N LYS C 81 6.12 1.18 6.86
CA LYS C 81 5.05 0.50 7.57
C LYS C 81 3.67 0.80 7.02
N GLU C 82 3.30 2.08 7.01
CA GLU C 82 1.98 2.47 6.53
C GLU C 82 1.74 1.99 5.12
N GLN C 83 2.77 2.08 4.30
CA GLN C 83 2.65 1.69 2.92
C GLN C 83 2.24 0.23 2.75
N ASN C 84 2.72 -0.64 3.63
CA ASN C 84 2.40 -2.05 3.54
C ASN C 84 1.34 -2.49 4.54
N LYS C 85 0.60 -1.53 5.07
CA LYS C 85 -0.46 -1.80 6.04
C LYS C 85 0.04 -2.72 7.17
N ILE C 86 1.25 -2.48 7.64
CA ILE C 86 1.81 -3.29 8.72
C ILE C 86 1.28 -2.83 10.06
N ASN C 87 1.05 -3.76 10.98
CA ASN C 87 0.53 -3.39 12.28
C ASN C 87 1.29 -3.89 13.51
N PHE C 88 2.50 -4.40 13.31
CA PHE C 88 3.30 -4.81 14.45
C PHE C 88 4.27 -3.65 14.59
N THR C 89 5.03 -3.63 15.67
CA THR C 89 5.95 -2.54 15.87
C THR C 89 7.20 -2.64 15.00
N ILE C 90 7.65 -1.49 14.50
CA ILE C 90 8.87 -1.43 13.71
C ILE C 90 9.76 -0.37 14.36
N VAL C 91 10.87 -0.82 14.92
CA VAL C 91 11.79 0.07 15.59
C VAL C 91 13.02 0.37 14.75
N SER C 92 13.58 1.55 14.95
CA SER C 92 14.75 2.01 14.21
C SER C 92 16.06 1.92 14.99
N ASP C 93 17.00 1.15 14.45
CA ASP C 93 18.30 0.94 15.06
C ASP C 93 19.32 1.83 14.32
N PHE C 94 19.00 3.11 14.21
CA PHE C 94 19.85 4.06 13.50
C PHE C 94 21.32 4.19 13.95
N ASN C 95 21.66 3.72 15.15
CA ASN C 95 23.06 3.78 15.61
C ASN C 95 23.66 2.38 15.66
N ARG C 96 22.95 1.42 15.07
CA ARG C 96 23.36 0.02 15.00
C ARG C 96 23.66 -0.61 16.36
N GLU C 97 23.13 -0.05 17.43
CA GLU C 97 23.34 -0.63 18.76
C GLU C 97 22.71 -2.00 18.84
N ALA C 98 21.51 -2.13 18.28
CA ALA C 98 20.78 -3.39 18.31
C ALA C 98 21.48 -4.47 17.52
N VAL C 99 21.85 -4.15 16.27
CA VAL C 99 22.51 -5.12 15.41
C VAL C 99 23.83 -5.64 15.99
N LYS C 100 24.60 -4.76 16.61
CA LYS C 100 25.86 -5.21 17.22
C LYS C 100 25.58 -6.08 18.44
N ALA C 101 24.65 -5.63 19.28
CA ALA C 101 24.28 -6.36 20.49
C ALA C 101 23.78 -7.78 20.19
N TYR C 102 23.07 -7.94 19.07
CA TYR C 102 22.56 -9.26 18.73
C TYR C 102 23.49 -10.00 17.78
N GLY C 103 24.62 -9.37 17.50
CA GLY C 103 25.62 -9.96 16.62
C GLY C 103 25.10 -10.28 15.22
N VAL C 104 24.47 -9.30 14.58
CA VAL C 104 23.95 -9.49 13.23
C VAL C 104 24.24 -8.31 12.32
N ALA C 105 25.27 -7.54 12.65
CA ALA C 105 25.66 -6.39 11.84
C ALA C 105 26.35 -6.92 10.57
N GLY C 106 26.09 -6.27 9.44
CA GLY C 106 26.71 -6.71 8.21
C GLY C 106 26.84 -5.59 7.20
N GLU C 107 27.18 -5.96 5.97
CA GLU C 107 27.35 -4.99 4.90
C GLU C 107 26.94 -5.59 3.58
N LEU C 108 26.31 -4.80 2.73
CA LEU C 108 25.92 -5.29 1.42
C LEU C 108 27.10 -5.02 0.49
N PRO C 109 27.48 -6.03 -0.32
CA PRO C 109 28.60 -5.85 -1.24
C PRO C 109 28.34 -4.73 -2.22
N ILE C 110 27.06 -4.53 -2.52
CA ILE C 110 26.63 -3.51 -3.48
C ILE C 110 26.56 -2.09 -2.89
N LEU C 111 27.01 -1.93 -1.66
CA LEU C 111 27.01 -0.63 -0.99
C LEU C 111 27.85 -0.73 0.28
N LYS C 112 29.17 -0.65 0.10
CA LYS C 112 30.09 -0.75 1.22
C LYS C 112 30.07 0.50 2.11
N GLY C 113 30.39 0.30 3.38
CA GLY C 113 30.41 1.42 4.31
C GLY C 113 29.07 1.59 5.00
N TYR C 114 28.07 0.84 4.52
CA TYR C 114 26.73 0.90 5.10
C TYR C 114 26.52 -0.32 5.98
N VAL C 115 26.47 -0.08 7.29
CA VAL C 115 26.27 -1.15 8.25
C VAL C 115 24.80 -1.37 8.55
N LEU C 116 24.27 -2.48 8.06
CA LEU C 116 22.88 -2.81 8.29
C LEU C 116 22.74 -4.22 8.86
N ALA C 117 21.53 -4.56 9.27
CA ALA C 117 21.27 -5.87 9.84
C ALA C 117 21.31 -6.98 8.80
N LYS C 118 21.56 -8.19 9.28
CA LYS C 118 21.56 -9.37 8.43
C LYS C 118 20.17 -9.91 8.70
N ARG C 119 19.38 -10.20 7.66
CA ARG C 119 18.05 -10.72 7.90
C ARG C 119 18.16 -11.86 8.91
N SER C 120 17.51 -11.68 10.06
CA SER C 120 17.57 -12.69 11.10
C SER C 120 16.32 -12.64 11.96
N VAL C 121 16.10 -13.70 12.72
CA VAL C 121 14.94 -13.79 13.59
C VAL C 121 15.28 -14.34 14.96
N PHE C 122 14.82 -13.65 15.99
CA PHE C 122 15.05 -14.06 17.38
C PHE C 122 13.72 -14.19 18.09
N VAL C 123 13.49 -15.33 18.71
CA VAL C 123 12.25 -15.54 19.44
C VAL C 123 12.60 -15.55 20.92
N ILE C 124 12.07 -14.57 21.65
CA ILE C 124 12.31 -14.45 23.08
C ILE C 124 11.11 -15.01 23.85
N ASP C 125 11.36 -15.87 24.83
CA ASP C 125 10.26 -16.41 25.59
C ASP C 125 9.76 -15.39 26.63
N LYS C 126 8.72 -15.77 27.36
CA LYS C 126 8.13 -14.90 28.36
C LYS C 126 9.11 -14.45 29.45
N ASN C 127 10.23 -15.15 29.59
CA ASN C 127 11.21 -14.80 30.61
C ASN C 127 12.41 -13.99 30.09
N GLY C 128 12.35 -13.53 28.84
CA GLY C 128 13.44 -12.75 28.30
C GLY C 128 14.59 -13.56 27.75
N ILE C 129 14.44 -14.88 27.72
CA ILE C 129 15.48 -15.76 27.22
C ILE C 129 15.31 -16.04 25.73
N VAL C 130 16.42 -16.03 25.01
CA VAL C 130 16.42 -16.31 23.57
C VAL C 130 16.23 -17.82 23.43
N ARG C 131 15.26 -18.24 22.63
CA ARG C 131 15.00 -19.67 22.47
C ARG C 131 15.12 -20.17 21.04
N TYR C 132 15.22 -19.24 20.09
CA TYR C 132 15.33 -19.61 18.69
C TYR C 132 16.08 -18.53 17.91
N LYS C 133 17.16 -18.93 17.25
CA LYS C 133 17.97 -18.00 16.47
C LYS C 133 18.15 -18.44 15.03
N TRP C 134 17.95 -17.50 14.11
CA TRP C 134 18.11 -17.77 12.69
C TRP C 134 18.77 -16.55 12.08
N VAL C 135 19.86 -16.74 11.34
CA VAL C 135 20.57 -15.65 10.71
C VAL C 135 20.93 -16.03 9.28
N SER C 136 21.03 -15.05 8.41
CA SER C 136 21.36 -15.31 7.02
C SER C 136 22.22 -14.24 6.40
N GLU C 137 23.46 -14.59 6.04
CA GLU C 137 24.38 -13.65 5.39
C GLU C 137 23.66 -13.14 4.16
N ASP C 138 23.08 -14.09 3.43
CA ASP C 138 22.36 -13.83 2.20
C ASP C 138 21.07 -13.08 2.50
N PRO C 139 20.93 -11.85 1.97
CA PRO C 139 19.70 -11.08 2.21
C PRO C 139 18.56 -11.51 1.30
N THR C 140 18.82 -12.53 0.47
CA THR C 140 17.82 -13.04 -0.47
C THR C 140 16.93 -14.11 0.16
N LYS C 141 17.42 -14.69 1.25
CA LYS C 141 16.70 -15.73 1.96
C LYS C 141 15.73 -15.20 2.99
N GLU C 142 14.58 -15.87 3.08
CA GLU C 142 13.53 -15.51 4.03
C GLU C 142 13.53 -16.51 5.18
N PRO C 143 13.08 -16.07 6.36
CA PRO C 143 13.05 -16.99 7.50
C PRO C 143 12.08 -18.17 7.30
N ASN C 144 12.14 -19.15 8.19
CA ASN C 144 11.27 -20.32 8.12
C ASN C 144 10.02 -20.00 8.94
N TYR C 145 9.10 -19.27 8.31
CA TYR C 145 7.88 -18.85 8.97
C TYR C 145 7.12 -19.89 9.77
N ASP C 146 6.81 -21.04 9.16
CA ASP C 146 6.07 -22.08 9.87
C ASP C 146 6.82 -22.61 11.08
N GLU C 147 8.13 -22.70 10.97
CA GLU C 147 8.96 -23.19 12.07
C GLU C 147 8.78 -22.20 13.22
N ILE C 148 8.87 -20.92 12.88
CA ILE C 148 8.73 -19.82 13.84
C ILE C 148 7.38 -19.85 14.54
N LYS C 149 6.32 -20.11 13.78
CA LYS C 149 4.98 -20.19 14.34
C LYS C 149 4.88 -21.30 15.37
N ASP C 150 5.30 -22.50 14.98
CA ASP C 150 5.25 -23.64 15.88
C ASP C 150 5.98 -23.31 17.19
N VAL C 151 7.20 -22.78 17.07
CA VAL C 151 8.01 -22.43 18.23
C VAL C 151 7.28 -21.47 19.16
N VAL C 152 6.80 -20.36 18.58
CA VAL C 152 6.08 -19.34 19.33
C VAL C 152 4.89 -19.97 20.06
N THR C 153 4.26 -20.94 19.41
CA THR C 153 3.12 -21.65 20.00
C THR C 153 3.61 -22.45 21.20
N LYS C 154 4.63 -23.28 20.97
CA LYS C 154 5.20 -24.09 22.03
C LYS C 154 5.57 -23.21 23.23
N LEU C 155 6.33 -22.15 22.98
CA LEU C 155 6.75 -21.26 24.05
C LEU C 155 5.58 -20.67 24.84
N SER C 156 4.61 -20.11 24.12
CA SER C 156 3.47 -19.48 24.78
C SER C 156 2.68 -20.42 25.70
N LEU C 157 2.95 -21.72 25.65
CA LEU C 157 2.21 -22.66 26.50
C LEU C 157 2.86 -23.04 27.82
N GLU C 158 3.91 -22.34 28.22
CA GLU C 158 4.56 -22.66 29.48
C GLU C 158 4.58 -21.46 30.40
N MET D 1 33.48 25.10 8.10
CA MET D 1 32.14 25.19 7.48
C MET D 1 32.24 25.17 5.96
N VAL D 2 31.67 26.21 5.36
CA VAL D 2 31.63 26.47 3.93
C VAL D 2 30.98 27.84 3.88
N GLU D 3 31.59 28.76 3.15
CA GLU D 3 31.05 30.11 3.05
C GLU D 3 31.11 30.63 1.61
N ILE D 4 30.35 31.69 1.34
CA ILE D 4 30.34 32.29 0.01
C ILE D 4 31.79 32.60 -0.41
N GLY D 5 32.14 32.29 -1.65
CA GLY D 5 33.50 32.57 -2.10
C GLY D 5 34.46 31.40 -2.03
N GLU D 6 34.13 30.40 -1.21
CA GLU D 6 34.98 29.23 -1.08
C GLU D 6 34.63 28.18 -2.10
N LYS D 7 35.60 27.31 -2.38
CA LYS D 7 35.36 26.23 -3.32
C LYS D 7 34.48 25.23 -2.58
N ALA D 8 33.51 24.65 -3.30
CA ALA D 8 32.60 23.68 -2.74
C ALA D 8 33.33 22.40 -2.40
N PRO D 9 33.19 21.92 -1.16
CA PRO D 9 33.88 20.67 -0.76
C PRO D 9 33.47 19.51 -1.68
N GLU D 10 34.46 18.90 -2.33
CA GLU D 10 34.23 17.77 -3.23
C GLU D 10 33.80 16.54 -2.43
N ILE D 11 32.62 16.02 -2.76
CA ILE D 11 32.10 14.84 -2.08
C ILE D 11 31.56 13.84 -3.09
N GLU D 12 31.60 12.56 -2.73
CA GLU D 12 31.11 11.48 -3.59
C GLU D 12 30.09 10.65 -2.81
N LEU D 13 28.86 10.62 -3.29
CA LEU D 13 27.78 9.88 -2.65
C LEU D 13 27.01 9.05 -3.67
N VAL D 14 26.33 8.01 -3.22
CA VAL D 14 25.55 7.17 -4.12
C VAL D 14 24.11 7.68 -4.16
N ASP D 15 23.55 7.77 -5.35
CA ASP D 15 22.19 8.24 -5.51
C ASP D 15 21.22 7.09 -5.31
N THR D 16 19.94 7.38 -5.50
CA THR D 16 18.87 6.39 -5.31
C THR D 16 19.02 5.12 -6.12
N ASP D 17 19.83 5.15 -7.17
CA ASP D 17 20.06 3.96 -7.99
C ASP D 17 21.41 3.33 -7.68
N LEU D 18 22.02 3.76 -6.58
CA LEU D 18 23.30 3.22 -6.16
C LEU D 18 24.49 3.59 -7.04
N LYS D 19 24.34 4.61 -7.88
CA LYS D 19 25.43 5.06 -8.74
C LYS D 19 26.16 6.20 -8.03
N LYS D 20 27.50 6.19 -8.07
CA LYS D 20 28.27 7.23 -7.42
C LYS D 20 28.20 8.58 -8.11
N VAL D 21 28.08 9.64 -7.32
CA VAL D 21 28.01 10.99 -7.85
C VAL D 21 29.10 11.81 -7.19
N LYS D 22 29.89 12.48 -8.01
CA LYS D 22 30.96 13.31 -7.50
C LYS D 22 30.51 14.75 -7.62
N ILE D 23 30.27 15.36 -6.47
CA ILE D 23 29.81 16.75 -6.39
C ILE D 23 30.92 17.61 -5.82
N PRO D 24 31.25 18.73 -6.47
CA PRO D 24 30.71 19.32 -7.70
C PRO D 24 31.38 18.83 -8.98
N SER D 25 32.42 18.02 -8.81
CA SER D 25 33.18 17.47 -9.93
C SER D 25 32.36 17.20 -11.20
N ASP D 26 31.51 16.18 -11.15
CA ASP D 26 30.70 15.78 -12.30
C ASP D 26 29.72 16.82 -12.86
N PHE D 27 29.66 18.00 -12.28
CA PHE D 27 28.70 18.98 -12.77
C PHE D 27 29.28 20.27 -13.31
N LYS D 28 30.45 20.16 -13.93
CA LYS D 28 31.11 21.32 -14.47
C LYS D 28 30.42 21.85 -15.72
N GLY D 29 30.39 23.18 -15.80
CA GLY D 29 29.77 23.84 -16.92
C GLY D 29 28.37 24.23 -16.52
N LYS D 30 27.92 23.71 -15.38
CA LYS D 30 26.58 24.01 -14.92
C LYS D 30 26.43 24.37 -13.45
N VAL D 31 25.39 25.14 -13.18
CA VAL D 31 25.07 25.60 -11.84
C VAL D 31 24.39 24.46 -11.09
N VAL D 32 24.92 24.11 -9.94
CA VAL D 32 24.32 23.04 -9.17
C VAL D 32 23.75 23.56 -7.86
N VAL D 33 22.50 23.18 -7.59
CA VAL D 33 21.82 23.61 -6.39
C VAL D 33 21.71 22.44 -5.43
N LEU D 34 22.46 22.51 -4.34
CA LEU D 34 22.45 21.46 -3.33
C LEU D 34 21.39 21.74 -2.28
N ALA D 35 20.37 20.88 -2.21
CA ALA D 35 19.29 21.02 -1.25
C ALA D 35 19.32 19.96 -0.16
N PHE D 36 19.94 20.27 0.98
CA PHE D 36 20.00 19.32 2.08
C PHE D 36 18.62 19.32 2.77
N TYR D 37 18.17 18.16 3.21
CA TYR D 37 16.90 18.08 3.90
C TYR D 37 16.98 17.05 5.01
N PRO D 38 16.34 17.36 6.14
CA PRO D 38 16.29 16.53 7.35
C PRO D 38 15.98 15.05 7.13
N ALA D 39 14.79 14.77 6.62
CA ALA D 39 14.41 13.37 6.39
C ALA D 39 13.32 13.22 5.35
N ALA D 40 13.34 12.09 4.64
CA ALA D 40 12.35 11.83 3.62
C ALA D 40 11.05 11.42 4.29
N PHE D 41 9.94 11.59 3.57
CA PHE D 41 8.62 11.21 4.06
C PHE D 41 8.10 12.11 5.18
N THR D 42 8.49 13.37 5.14
CA THR D 42 8.04 14.34 6.14
C THR D 42 7.41 15.49 5.36
N SER D 43 6.26 15.93 5.84
CA SER D 43 5.51 17.00 5.18
C SER D 43 6.35 18.11 4.57
N VAL D 44 7.13 18.80 5.38
CA VAL D 44 7.95 19.89 4.86
C VAL D 44 8.91 19.43 3.78
N SER D 45 9.76 18.45 4.08
CA SER D 45 10.72 17.96 3.09
C SER D 45 10.02 17.59 1.78
N THR D 46 8.91 16.87 1.88
CA THR D 46 8.17 16.50 0.69
C THR D 46 7.83 17.80 -0.04
N LYS D 47 7.21 18.72 0.69
CA LYS D 47 6.83 19.99 0.12
C LYS D 47 8.01 20.65 -0.59
N GLU D 48 9.18 20.64 0.04
CA GLU D 48 10.34 21.27 -0.56
C GLU D 48 10.76 20.60 -1.86
N MET D 49 10.92 19.28 -1.81
CA MET D 49 11.32 18.51 -2.98
C MET D 49 10.32 18.66 -4.12
N SER D 50 9.03 18.58 -3.79
CA SER D 50 7.98 18.73 -4.79
C SER D 50 8.09 20.09 -5.46
N THR D 51 8.44 21.10 -4.68
CA THR D 51 8.58 22.44 -5.19
C THR D 51 9.71 22.56 -6.22
N PHE D 52 10.84 21.91 -5.95
CA PHE D 52 11.95 21.97 -6.89
C PHE D 52 11.56 21.16 -8.11
N ARG D 53 10.85 20.06 -7.86
CA ARG D 53 10.37 19.18 -8.92
C ARG D 53 9.53 19.97 -9.90
N ASP D 54 8.56 20.70 -9.38
CA ASP D 54 7.67 21.49 -10.22
C ASP D 54 8.33 22.60 -11.00
N SER D 55 9.58 22.90 -10.70
CA SER D 55 10.23 23.96 -11.46
C SER D 55 11.42 23.48 -12.25
N MET D 56 11.54 22.16 -12.40
CA MET D 56 12.66 21.60 -13.13
C MET D 56 12.87 22.17 -14.54
N ALA D 57 11.80 22.56 -15.22
CA ALA D 57 11.95 23.09 -16.57
C ALA D 57 12.75 24.38 -16.47
N LYS D 58 12.39 25.23 -15.52
CA LYS D 58 13.08 26.50 -15.34
C LYS D 58 14.56 26.26 -15.08
N PHE D 59 14.87 25.30 -14.22
CA PHE D 59 16.26 24.98 -13.93
C PHE D 59 16.97 24.46 -15.16
N ASN D 60 16.23 23.70 -15.98
CA ASN D 60 16.81 23.15 -17.21
C ASN D 60 17.13 24.28 -18.18
N GLU D 61 16.24 25.27 -18.26
CA GLU D 61 16.44 26.39 -19.16
C GLU D 61 17.79 27.06 -18.94
N VAL D 62 18.15 27.27 -17.68
CA VAL D 62 19.41 27.91 -17.34
C VAL D 62 20.55 26.93 -17.06
N ASN D 63 20.46 25.72 -17.61
CA ASN D 63 21.49 24.71 -17.46
C ASN D 63 21.94 24.52 -16.01
N ALA D 64 20.95 24.41 -15.11
CA ALA D 64 21.24 24.23 -13.69
C ALA D 64 20.63 22.92 -13.22
N VAL D 65 21.29 22.26 -12.28
CA VAL D 65 20.78 21.00 -11.78
C VAL D 65 20.65 21.03 -10.26
N VAL D 66 19.51 20.57 -9.77
CA VAL D 66 19.20 20.51 -8.34
C VAL D 66 19.55 19.12 -7.83
N ILE D 67 20.26 19.05 -6.71
CA ILE D 67 20.62 17.76 -6.13
C ILE D 67 20.16 17.76 -4.68
N GLY D 68 19.36 16.76 -4.31
CA GLY D 68 18.85 16.67 -2.95
C GLY D 68 19.78 15.80 -2.13
N ILE D 69 19.98 16.18 -0.87
CA ILE D 69 20.87 15.44 0.01
C ILE D 69 20.25 15.18 1.37
N SER D 70 20.40 13.97 1.89
CA SER D 70 19.88 13.63 3.21
C SER D 70 20.67 12.44 3.76
N VAL D 71 20.58 12.23 5.07
CA VAL D 71 21.28 11.10 5.67
C VAL D 71 20.50 9.79 5.54
N ASP D 72 19.31 9.85 4.96
CA ASP D 72 18.46 8.67 4.74
C ASP D 72 19.14 7.72 3.75
N PRO D 73 18.95 6.39 3.91
CA PRO D 73 19.53 5.34 3.05
C PRO D 73 19.10 5.50 1.60
N PRO D 74 19.89 4.97 0.65
CA PRO D 74 19.53 5.10 -0.77
C PRO D 74 18.16 4.47 -1.08
N PHE D 75 17.92 3.31 -0.49
CA PHE D 75 16.68 2.58 -0.68
C PHE D 75 15.46 3.41 -0.31
N SER D 76 15.47 3.96 0.91
CA SER D 76 14.36 4.78 1.38
C SER D 76 14.20 6.05 0.55
N ASN D 77 15.32 6.64 0.16
CA ASN D 77 15.29 7.85 -0.65
C ASN D 77 14.72 7.55 -2.03
N LYS D 78 14.92 6.33 -2.52
CA LYS D 78 14.39 5.97 -3.81
C LYS D 78 12.87 5.87 -3.71
N ALA D 79 12.35 5.25 -2.66
CA ALA D 79 10.91 5.15 -2.51
C ALA D 79 10.33 6.55 -2.34
N PHE D 80 11.07 7.41 -1.65
CA PHE D 80 10.66 8.80 -1.41
C PHE D 80 10.70 9.59 -2.71
N LYS D 81 11.62 9.22 -3.59
CA LYS D 81 11.76 9.90 -4.86
C LYS D 81 10.67 9.48 -5.84
N GLU D 82 10.46 8.17 -5.95
CA GLU D 82 9.45 7.65 -6.85
C GLU D 82 8.06 8.10 -6.44
N GLN D 83 7.78 8.04 -5.14
CA GLN D 83 6.47 8.43 -4.68
C GLN D 83 6.12 9.88 -4.84
N ASN D 84 7.09 10.71 -5.21
CA ASN D 84 6.79 12.11 -5.40
C ASN D 84 7.14 12.56 -6.81
N LYS D 85 7.30 11.57 -7.69
CA LYS D 85 7.62 11.81 -9.10
C LYS D 85 8.73 12.83 -9.24
N ILE D 86 9.78 12.61 -8.45
CA ILE D 86 10.95 13.48 -8.41
C ILE D 86 11.97 13.03 -9.45
N ASN D 87 12.24 13.87 -10.45
CA ASN D 87 13.20 13.49 -11.48
C ASN D 87 14.61 14.04 -11.35
N PHE D 88 14.91 14.78 -10.28
CA PHE D 88 16.27 15.27 -10.12
C PHE D 88 16.98 14.24 -9.25
N THR D 89 18.25 14.45 -8.98
CA THR D 89 19.01 13.49 -8.21
C THR D 89 18.99 13.68 -6.70
N ILE D 90 18.98 12.56 -5.99
CA ILE D 90 18.98 12.57 -4.53
C ILE D 90 20.06 11.61 -4.05
N VAL D 91 21.04 12.16 -3.35
CA VAL D 91 22.14 11.35 -2.84
C VAL D 91 21.89 11.05 -1.37
N SER D 92 22.52 10.00 -0.88
CA SER D 92 22.36 9.60 0.52
C SER D 92 23.65 9.82 1.29
N ASP D 93 23.60 10.69 2.30
CA ASP D 93 24.78 10.98 3.12
C ASP D 93 24.71 10.08 4.35
N PHE D 94 24.69 8.77 4.13
CA PHE D 94 24.55 7.85 5.25
C PHE D 94 25.63 7.84 6.31
N ASN D 95 26.74 8.51 6.04
CA ASN D 95 27.81 8.57 7.04
C ASN D 95 28.02 10.00 7.52
N ARG D 96 27.07 10.86 7.14
CA ARG D 96 27.08 12.27 7.52
C ARG D 96 28.33 13.00 7.03
N GLU D 97 28.93 12.49 5.95
CA GLU D 97 30.13 13.08 5.37
C GLU D 97 29.87 14.47 4.80
N ALA D 98 28.84 14.57 3.95
CA ALA D 98 28.51 15.84 3.31
C ALA D 98 27.91 16.87 4.26
N VAL D 99 27.13 16.42 5.23
CA VAL D 99 26.51 17.35 6.17
C VAL D 99 27.58 17.97 7.04
N LYS D 100 28.63 17.20 7.32
CA LYS D 100 29.73 17.71 8.11
C LYS D 100 30.49 18.69 7.22
N ALA D 101 31.02 18.21 6.11
CA ALA D 101 31.76 19.06 5.18
C ALA D 101 31.06 20.40 5.00
N TYR D 102 29.76 20.40 4.71
CA TYR D 102 29.05 21.65 4.52
C TYR D 102 28.61 22.32 5.82
N GLY D 103 29.01 21.72 6.94
CA GLY D 103 28.67 22.26 8.24
C GLY D 103 27.21 22.51 8.49
N VAL D 104 26.38 21.51 8.18
CA VAL D 104 24.95 21.60 8.39
C VAL D 104 24.42 20.40 9.16
N ALA D 105 25.32 19.78 9.91
CA ALA D 105 24.97 18.63 10.75
C ALA D 105 24.10 19.18 11.87
N GLY D 106 23.11 18.42 12.28
CA GLY D 106 22.24 18.88 13.35
C GLY D 106 21.56 17.73 14.06
N GLU D 107 20.51 18.04 14.81
CA GLU D 107 19.76 17.02 15.54
C GLU D 107 18.35 17.50 15.81
N LEU D 108 17.42 16.57 15.94
CA LEU D 108 16.05 16.94 16.25
C LEU D 108 15.87 16.71 17.73
N PRO D 109 15.30 17.70 18.45
CA PRO D 109 15.10 17.51 19.88
C PRO D 109 14.25 16.26 20.14
N ILE D 110 13.28 16.05 19.25
CA ILE D 110 12.35 14.90 19.34
C ILE D 110 13.03 13.55 19.15
N LEU D 111 14.25 13.55 18.65
CA LEU D 111 14.97 12.31 18.41
C LEU D 111 16.45 12.48 18.73
N LYS D 112 16.81 12.30 19.99
CA LYS D 112 18.19 12.47 20.42
C LYS D 112 19.18 11.41 19.93
N GLY D 113 20.33 11.87 19.48
CA GLY D 113 21.37 10.97 19.01
C GLY D 113 21.40 10.72 17.52
N TYR D 114 20.34 11.14 16.83
CA TYR D 114 20.22 10.95 15.39
C TYR D 114 20.76 12.18 14.65
N VAL D 115 21.91 12.04 14.00
CA VAL D 115 22.50 13.16 13.30
C VAL D 115 21.98 13.35 11.88
N LEU D 116 21.16 14.37 11.67
CA LEU D 116 20.65 14.63 10.34
C LEU D 116 21.05 16.02 9.85
N ALA D 117 20.70 16.32 8.62
CA ALA D 117 21.05 17.62 8.05
C ALA D 117 20.02 18.66 8.43
N LYS D 118 20.44 19.92 8.40
CA LYS D 118 19.57 21.05 8.68
C LYS D 118 19.06 21.50 7.32
N ARG D 119 17.77 21.70 7.17
CA ARG D 119 17.25 22.12 5.87
C ARG D 119 18.07 23.30 5.37
N SER D 120 18.91 23.06 4.36
CA SER D 120 19.78 24.09 3.83
C SER D 120 19.97 24.00 2.32
N VAL D 121 20.31 25.13 1.69
CA VAL D 121 20.55 25.19 0.25
C VAL D 121 21.94 25.75 -0.01
N PHE D 122 22.57 25.27 -1.09
CA PHE D 122 23.91 25.71 -1.45
C PHE D 122 24.01 25.79 -2.96
N VAL D 123 24.26 26.97 -3.50
CA VAL D 123 24.39 27.10 -4.94
C VAL D 123 25.86 27.21 -5.33
N ILE D 124 26.32 26.25 -6.15
CA ILE D 124 27.71 26.25 -6.62
C ILE D 124 27.73 26.82 -8.02
N ASP D 125 28.60 27.78 -8.32
CA ASP D 125 28.61 28.30 -9.70
C ASP D 125 29.29 27.33 -10.63
N LYS D 126 29.39 27.72 -11.90
CA LYS D 126 30.01 26.88 -12.92
C LYS D 126 31.45 26.48 -12.63
N ASN D 127 32.12 27.22 -11.75
CA ASN D 127 33.52 26.92 -11.44
C ASN D 127 33.78 26.23 -10.12
N GLY D 128 32.73 25.77 -9.46
CA GLY D 128 32.91 25.09 -8.19
C GLY D 128 33.00 25.98 -6.96
N ILE D 129 32.64 27.24 -7.09
CA ILE D 129 32.69 28.17 -5.96
C ILE D 129 31.31 28.38 -5.36
N VAL D 130 31.19 28.18 -4.05
CA VAL D 130 29.93 28.38 -3.37
C VAL D 130 29.54 29.85 -3.51
N ARG D 131 28.39 30.14 -4.12
CA ARG D 131 27.97 31.52 -4.32
C ARG D 131 26.75 31.90 -3.52
N TYR D 132 26.02 30.91 -3.04
CA TYR D 132 24.81 31.17 -2.25
C TYR D 132 24.70 30.14 -1.14
N LYS D 133 24.21 30.58 0.01
CA LYS D 133 24.07 29.70 1.16
C LYS D 133 22.85 30.11 1.98
N TRP D 134 22.08 29.11 2.38
CA TRP D 134 20.89 29.33 3.19
C TRP D 134 20.70 28.17 4.14
N VAL D 135 20.64 28.45 5.44
CA VAL D 135 20.46 27.41 6.44
C VAL D 135 19.41 27.78 7.48
N SER D 136 18.46 26.89 7.69
CA SER D 136 17.40 27.11 8.67
C SER D 136 17.45 25.99 9.67
N GLU D 137 17.60 26.33 10.94
CA GLU D 137 17.66 25.28 11.95
C GLU D 137 16.30 24.89 12.42
N ASP D 138 15.30 25.61 11.92
CA ASP D 138 13.90 25.23 12.23
C ASP D 138 13.66 24.41 11.03
N PRO D 139 13.41 23.09 11.23
CA PRO D 139 13.17 22.22 10.08
C PRO D 139 11.86 22.60 9.40
N THR D 140 11.10 23.40 10.11
CA THR D 140 9.77 23.83 9.66
C THR D 140 9.82 24.89 8.56
N LYS D 141 10.96 25.56 8.42
CA LYS D 141 11.10 26.61 7.42
C LYS D 141 11.56 26.17 6.03
N GLU D 142 10.93 26.74 5.01
CA GLU D 142 11.25 26.43 3.62
C GLU D 142 12.12 27.52 3.03
N PRO D 143 13.07 27.14 2.15
CA PRO D 143 13.96 28.12 1.51
C PRO D 143 13.21 29.11 0.62
N ASN D 144 13.88 30.20 0.26
CA ASN D 144 13.32 31.25 -0.58
C ASN D 144 13.44 30.83 -2.06
N TYR D 145 12.59 29.90 -2.47
CA TYR D 145 12.61 29.39 -3.84
C TYR D 145 12.85 30.43 -4.92
N ASP D 146 12.20 31.58 -4.84
CA ASP D 146 12.38 32.59 -5.88
C ASP D 146 13.76 33.21 -5.85
N GLU D 147 14.24 33.52 -4.66
CA GLU D 147 15.56 34.10 -4.52
C GLU D 147 16.50 33.16 -5.26
N ILE D 148 16.49 31.89 -4.83
CA ILE D 148 17.33 30.84 -5.41
C ILE D 148 17.28 30.80 -6.94
N LYS D 149 16.10 31.00 -7.51
CA LYS D 149 15.98 30.97 -8.96
C LYS D 149 16.74 32.11 -9.62
N ASP D 150 16.54 33.33 -9.13
CA ASP D 150 17.23 34.50 -9.70
C ASP D 150 18.74 34.28 -9.70
N VAL D 151 19.27 33.91 -8.54
CA VAL D 151 20.70 33.66 -8.37
C VAL D 151 21.20 32.63 -9.39
N VAL D 152 20.52 31.50 -9.45
CA VAL D 152 20.88 30.45 -10.39
C VAL D 152 20.92 31.02 -11.80
N THR D 153 19.91 31.81 -12.14
CA THR D 153 19.84 32.44 -13.46
C THR D 153 21.01 33.38 -13.70
N LYS D 154 21.27 34.23 -12.71
CA LYS D 154 22.37 35.20 -12.78
C LYS D 154 23.70 34.51 -13.00
N LEU D 155 23.93 33.44 -12.21
CA LEU D 155 25.17 32.67 -12.29
C LEU D 155 25.40 31.99 -13.64
N SER D 156 24.34 31.54 -14.28
CA SER D 156 24.47 30.87 -15.56
C SER D 156 24.78 31.83 -16.69
N LEU D 157 24.59 33.12 -16.43
CA LEU D 157 24.84 34.16 -17.45
C LEU D 157 26.27 34.70 -17.54
N GLU D 158 27.25 33.99 -16.97
CA GLU D 158 28.63 34.47 -17.02
C GLU D 158 29.61 33.47 -17.66
CL CL E . -7.66 -12.89 -2.17
CL CL F . -22.71 0.64 -15.45
CL CL G . 16.39 -5.99 2.42
CL CL H . 12.11 17.11 7.60
#